data_4GE8
#
_entry.id   4GE8
#
_cell.length_a   140.928
_cell.length_b   140.928
_cell.length_c   42.484
_cell.angle_alpha   90.00
_cell.angle_beta   90.00
_cell.angle_gamma   90.00
#
_symmetry.space_group_name_H-M   'P 43 21 2'
#
loop_
_entity.id
_entity.type
_entity.pdbx_description
1 polymer 'NADPH dehydrogenase 1'
2 non-polymer 'MAGNESIUM ION'
3 non-polymer 'CHLORIDE ION'
4 non-polymer 'SODIUM ION'
5 non-polymer 'PENTAETHYLENE GLYCOL'
6 non-polymer 'FLAVIN MONONUCLEOTIDE'
7 non-polymer (5S)-2-methyl-5-(prop-1-en-2-yl)cyclohex-2-en-1-one
8 water water
#
_entity_poly.entity_id   1
_entity_poly.type   'polypeptide(L)'
_entity_poly.pdbx_seq_one_letter_code
;MSFVKDFKPQALGDTNLFKPIKIGNNELLHRAVIPPLTRMRALHPGNIPNRDWAVEYYTQRAQRPGTMIITEGAFISPQA
GGYDNAPGVWSEEQMVEWTKIFNAIHEKKSFVWVQLIVLGWAAFPDNLARDGLRYDSASDNVFMDAEQEAKAKKANNPQH
SLTKDEIKQYIKEYVQAAKNSIAAGADGVEIHSANGYLLNQFLDPHSNTRTDEYGGSIENRARFTLEVVDALVEAIGHEK
VGLRLSPYGVFNSMSGGAETGIVAQYAYVAGELEKRAKAGKRLAFVHLVEPRVTNPFLTEGEGEYEGGSNDFVYSIWKGP
VIRAGNFALHPEVVREEVKDKRTLIGYGRFFISNPDLVDRLEKGLPLNKYDRDTFYQMSAHGYIDYPTYEEALKLGWDKK
;
_entity_poly.pdbx_strand_id   A
#
# COMPACT_ATOMS: atom_id res chain seq x y z
N SER A 2 6.26 -21.05 14.47
CA SER A 2 5.78 -20.95 15.87
C SER A 2 4.84 -19.75 16.04
N PHE A 3 4.15 -19.73 17.17
CA PHE A 3 3.32 -18.61 17.53
C PHE A 3 4.14 -17.53 18.21
N VAL A 4 3.66 -16.30 18.14
CA VAL A 4 4.32 -15.21 18.86
C VAL A 4 4.29 -15.49 20.36
N LYS A 5 5.47 -15.42 20.98
CA LYS A 5 5.62 -15.92 22.33
C LYS A 5 5.04 -14.99 23.39
N ASP A 6 5.38 -13.72 23.32
CA ASP A 6 4.96 -12.81 24.38
C ASP A 6 3.82 -11.95 23.84
N PHE A 7 2.68 -12.61 23.66
CA PHE A 7 1.49 -11.95 23.15
C PHE A 7 0.28 -12.51 23.84
N LYS A 8 -0.55 -11.62 24.36
CA LYS A 8 -1.81 -12.01 24.99
C LYS A 8 -2.92 -11.58 24.05
N PRO A 9 -3.43 -12.52 23.25
CA PRO A 9 -4.50 -12.20 22.32
C PRO A 9 -5.75 -11.76 23.01
N GLN A 10 -6.55 -11.01 22.29
CA GLN A 10 -7.85 -10.61 22.74
C GLN A 10 -8.85 -10.81 21.60
N ALA A 11 -10.00 -11.41 21.91
CA ALA A 11 -11.04 -11.57 20.90
C ALA A 11 -11.62 -10.20 20.57
N LEU A 12 -11.72 -9.88 19.28
CA LEU A 12 -12.23 -8.59 18.83
C LEU A 12 -13.58 -8.71 18.16
N GLY A 13 -14.20 -9.90 18.22
CA GLY A 13 -15.49 -10.14 17.60
C GLY A 13 -16.63 -9.30 18.15
N ASP A 14 -16.44 -8.73 19.34
CA ASP A 14 -17.45 -7.88 19.96
C ASP A 14 -17.23 -6.39 19.65
N THR A 15 -16.41 -6.10 18.66
CA THR A 15 -16.12 -4.71 18.30
C THR A 15 -16.55 -4.42 16.88
N ASN A 16 -16.49 -3.15 16.49
CA ASN A 16 -16.80 -2.75 15.12
C ASN A 16 -15.87 -3.34 14.07
N LEU A 17 -14.75 -3.93 14.47
CA LEU A 17 -13.90 -4.63 13.52
C LEU A 17 -14.71 -5.72 12.82
N PHE A 18 -15.78 -6.19 13.49
CA PHE A 18 -16.61 -7.26 12.93
C PHE A 18 -18.02 -6.81 12.55
N LYS A 19 -18.13 -5.51 12.29
CA LYS A 19 -19.34 -4.94 11.70
CA LYS A 19 -19.33 -4.92 11.71
C LYS A 19 -19.11 -4.66 10.23
N PRO A 20 -20.06 -5.06 9.39
CA PRO A 20 -19.93 -4.79 7.96
CA PRO A 20 -19.96 -4.79 7.96
C PRO A 20 -19.83 -3.30 7.64
N ILE A 21 -19.22 -2.99 6.49
CA ILE A 21 -19.11 -1.62 6.01
C ILE A 21 -18.96 -1.63 4.49
N LYS A 22 -19.53 -0.62 3.83
CA LYS A 22 -19.42 -0.54 2.37
C LYS A 22 -18.24 0.38 2.01
N ILE A 23 -17.31 -0.15 1.20
CA ILE A 23 -16.18 0.62 0.71
C ILE A 23 -16.24 0.59 -0.81
N GLY A 24 -16.44 1.75 -1.45
CA GLY A 24 -16.72 1.77 -2.87
C GLY A 24 -17.91 0.89 -3.15
N ASN A 25 -17.77 -0.02 -4.10
CA ASN A 25 -18.84 -0.94 -4.47
C ASN A 25 -18.89 -2.22 -3.64
N ASN A 26 -18.01 -2.34 -2.64
CA ASN A 26 -17.85 -3.61 -1.93
C ASN A 26 -18.45 -3.61 -0.54
N GLU A 27 -19.26 -4.63 -0.27
CA GLU A 27 -19.81 -4.85 1.05
C GLU A 27 -18.89 -5.71 1.87
N LEU A 28 -17.95 -5.07 2.54
CA LEU A 28 -17.05 -5.75 3.45
C LEU A 28 -17.88 -6.34 4.58
N LEU A 29 -17.49 -7.52 5.06
CA LEU A 29 -18.18 -8.16 6.17
C LEU A 29 -17.47 -7.93 7.49
N HIS A 30 -16.27 -7.36 7.42
CA HIS A 30 -15.49 -7.00 8.60
C HIS A 30 -14.47 -5.97 8.14
N ARG A 31 -13.77 -5.35 9.08
CA ARG A 31 -12.97 -4.17 8.80
C ARG A 31 -11.48 -4.40 8.95
N ALA A 32 -11.07 -5.67 8.95
CA ALA A 32 -9.66 -6.05 8.88
C ALA A 32 -9.25 -6.11 7.42
N VAL A 33 -8.43 -5.16 7.00
CA VAL A 33 -8.05 -5.03 5.60
C VAL A 33 -6.65 -5.57 5.40
N ILE A 34 -6.38 -6.19 4.26
CA ILE A 34 -5.01 -6.51 3.90
C ILE A 34 -4.41 -5.31 3.18
N PRO A 35 -3.43 -4.65 3.80
CA PRO A 35 -2.79 -3.51 3.13
C PRO A 35 -1.85 -4.05 2.07
N PRO A 36 -1.41 -3.19 1.15
CA PRO A 36 -0.49 -3.63 0.11
C PRO A 36 0.83 -4.17 0.69
N LEU A 37 1.24 -5.34 0.24
CA LEU A 37 2.45 -5.99 0.70
C LEU A 37 3.24 -6.57 -0.47
N THR A 38 4.27 -5.83 -0.87
CA THR A 38 5.25 -6.30 -1.85
C THR A 38 5.92 -7.57 -1.37
N ARG A 39 5.90 -8.61 -2.21
CA ARG A 39 6.51 -9.88 -1.87
C ARG A 39 7.63 -10.33 -2.81
N MET A 40 7.80 -9.63 -3.93
CA MET A 40 8.91 -9.90 -4.83
C MET A 40 8.95 -11.33 -5.41
N ARG A 41 7.78 -11.92 -5.66
CA ARG A 41 7.72 -13.21 -6.35
C ARG A 41 7.43 -13.08 -7.85
N ALA A 42 7.28 -11.86 -8.35
CA ALA A 42 7.01 -11.68 -9.77
C ALA A 42 8.22 -12.11 -10.59
N LEU A 43 7.97 -12.58 -11.79
CA LEU A 43 9.04 -13.20 -12.56
C LEU A 43 9.61 -12.26 -13.63
N HIS A 44 10.91 -12.41 -13.87
CA HIS A 44 11.66 -11.63 -14.84
C HIS A 44 11.97 -12.55 -16.01
N PRO A 45 11.87 -12.04 -17.24
CA PRO A 45 11.54 -10.69 -17.66
C PRO A 45 10.06 -10.42 -17.68
N GLY A 46 9.70 -9.14 -17.67
CA GLY A 46 8.32 -8.75 -17.90
C GLY A 46 7.51 -8.41 -16.67
N ASN A 47 8.10 -8.50 -15.47
CA ASN A 47 7.42 -8.15 -14.23
C ASN A 47 6.07 -8.87 -14.13
N ILE A 48 6.10 -10.18 -14.31
CA ILE A 48 4.87 -10.97 -14.39
C ILE A 48 4.48 -11.56 -13.04
N PRO A 49 3.23 -11.32 -12.58
CA PRO A 49 2.82 -11.96 -11.32
C PRO A 49 3.12 -13.44 -11.33
N ASN A 50 3.58 -13.96 -10.21
CA ASN A 50 4.11 -15.31 -10.15
C ASN A 50 3.11 -16.38 -10.59
N ARG A 51 3.49 -17.07 -11.65
CA ARG A 51 2.66 -18.04 -12.34
CA ARG A 51 2.57 -18.01 -12.30
C ARG A 51 2.37 -19.28 -11.50
N ASP A 52 3.24 -19.54 -10.54
CA ASP A 52 3.16 -20.75 -9.74
C ASP A 52 2.37 -20.57 -8.46
N TRP A 53 2.56 -19.42 -7.81
CA TRP A 53 2.14 -19.28 -6.41
C TRP A 53 1.20 -18.11 -6.09
N ALA A 54 1.11 -17.10 -6.95
CA ALA A 54 0.41 -15.87 -6.55
C ALA A 54 -1.09 -16.12 -6.35
N VAL A 55 -1.70 -16.90 -7.23
CA VAL A 55 -3.12 -17.22 -7.04
C VAL A 55 -3.34 -17.87 -5.68
N GLU A 56 -2.51 -18.84 -5.32
CA GLU A 56 -2.67 -19.54 -4.04
CA GLU A 56 -2.68 -19.53 -4.04
C GLU A 56 -2.48 -18.57 -2.88
N TYR A 57 -1.47 -17.70 -2.97
CA TYR A 57 -1.20 -16.74 -1.89
C TYR A 57 -2.41 -15.86 -1.61
N TYR A 58 -2.99 -15.29 -2.66
CA TYR A 58 -4.14 -14.43 -2.50
C TYR A 58 -5.40 -15.21 -2.12
N THR A 59 -5.56 -16.41 -2.66
CA THR A 59 -6.68 -17.26 -2.30
C THR A 59 -6.68 -17.52 -0.81
N GLN A 60 -5.53 -17.90 -0.28
CA GLN A 60 -5.40 -18.19 1.14
C GLN A 60 -5.86 -17.00 1.97
N ARG A 61 -5.41 -15.81 1.56
CA ARG A 61 -5.66 -14.62 2.35
C ARG A 61 -7.03 -13.99 2.09
N ALA A 62 -7.73 -14.50 1.09
CA ALA A 62 -9.12 -14.12 0.82
C ALA A 62 -10.11 -15.01 1.53
N GLN A 63 -9.63 -15.97 2.31
CA GLN A 63 -10.47 -17.07 2.79
C GLN A 63 -11.65 -16.64 3.66
N ARG A 64 -11.49 -15.56 4.43
CA ARG A 64 -12.61 -15.06 5.21
C ARG A 64 -13.51 -14.28 4.26
N PRO A 65 -14.77 -14.70 4.12
CA PRO A 65 -15.62 -13.96 3.20
C PRO A 65 -15.71 -12.47 3.55
N GLY A 66 -15.76 -11.62 2.53
CA GLY A 66 -16.00 -10.21 2.72
C GLY A 66 -14.76 -9.45 3.14
N THR A 67 -13.58 -10.00 2.86
CA THR A 67 -12.33 -9.32 3.18
C THR A 67 -11.89 -8.39 2.05
N MET A 68 -11.49 -7.16 2.39
CA MET A 68 -10.89 -6.26 1.42
C MET A 68 -9.38 -6.50 1.36
N ILE A 69 -8.90 -6.82 0.16
CA ILE A 69 -7.50 -7.03 -0.10
C ILE A 69 -6.98 -5.93 -1.02
N ILE A 70 -5.96 -5.23 -0.57
CA ILE A 70 -5.20 -4.34 -1.45
C ILE A 70 -3.95 -5.10 -1.91
N THR A 71 -3.74 -5.17 -3.23
CA THR A 71 -2.60 -5.93 -3.73
C THR A 71 -1.29 -5.29 -3.35
N GLU A 72 -0.23 -6.11 -3.39
CA GLU A 72 1.12 -5.60 -3.51
C GLU A 72 1.17 -4.48 -4.55
N GLY A 73 2.05 -3.52 -4.35
CA GLY A 73 2.19 -2.47 -5.34
C GLY A 73 2.52 -3.00 -6.72
N ALA A 74 1.88 -2.44 -7.74
CA ALA A 74 2.11 -2.87 -9.13
C ALA A 74 2.54 -1.67 -9.96
N PHE A 75 3.64 -1.84 -10.69
CA PHE A 75 4.16 -0.78 -11.52
C PHE A 75 3.20 -0.44 -12.68
N ILE A 76 3.04 0.85 -12.95
CA ILE A 76 2.13 1.27 -14.02
C ILE A 76 2.79 1.20 -15.41
N SER A 77 4.12 1.10 -15.45
CA SER A 77 4.88 1.09 -16.69
C SER A 77 6.33 0.66 -16.41
N PRO A 78 7.07 0.30 -17.45
CA PRO A 78 8.48 0.01 -17.20
C PRO A 78 9.22 1.19 -16.53
N GLN A 79 9.00 2.41 -17.01
CA GLN A 79 9.71 3.57 -16.45
C GLN A 79 9.38 3.76 -14.96
N ALA A 80 8.19 3.33 -14.57
CA ALA A 80 7.73 3.45 -13.18
C ALA A 80 8.36 2.39 -12.26
N GLY A 81 9.01 1.38 -12.84
CA GLY A 81 9.53 0.27 -12.07
C GLY A 81 11.00 0.37 -11.72
N GLY A 82 11.70 -0.77 -11.79
CA GLY A 82 13.10 -0.84 -11.41
C GLY A 82 13.45 -1.91 -10.41
N TYR A 83 12.46 -2.69 -9.99
CA TYR A 83 12.69 -3.95 -9.29
C TYR A 83 12.23 -5.08 -10.21
N ASP A 84 13.11 -6.03 -10.48
CA ASP A 84 12.80 -7.07 -11.45
C ASP A 84 11.70 -8.04 -10.99
N ASN A 85 11.51 -8.16 -9.68
CA ASN A 85 10.58 -9.15 -9.17
C ASN A 85 9.32 -8.58 -8.51
N ALA A 86 9.00 -7.33 -8.82
CA ALA A 86 7.70 -6.77 -8.47
C ALA A 86 6.87 -6.72 -9.75
N PRO A 87 5.55 -6.92 -9.63
CA PRO A 87 4.71 -7.03 -10.83
C PRO A 87 4.31 -5.68 -11.41
N GLY A 88 3.91 -5.69 -12.68
CA GLY A 88 3.31 -4.55 -13.33
C GLY A 88 1.87 -4.81 -13.76
N VAL A 89 1.22 -3.76 -14.23
CA VAL A 89 -0.15 -3.84 -14.78
C VAL A 89 -0.26 -3.08 -16.09
N TRP A 90 0.80 -3.13 -16.90
CA TRP A 90 0.77 -2.50 -18.21
C TRP A 90 0.64 -3.45 -19.40
N SER A 91 0.96 -4.73 -19.22
CA SER A 91 1.03 -5.66 -20.35
C SER A 91 -0.05 -6.73 -20.33
N GLU A 92 -0.35 -7.27 -21.50
CA GLU A 92 -1.29 -8.38 -21.60
C GLU A 92 -0.83 -9.58 -20.77
N GLU A 93 0.45 -9.93 -20.85
CA GLU A 93 0.93 -11.10 -20.12
CA GLU A 93 0.97 -11.08 -20.11
C GLU A 93 0.79 -10.90 -18.61
N GLN A 94 0.94 -9.67 -18.14
CA GLN A 94 0.69 -9.40 -16.73
C GLN A 94 -0.78 -9.55 -16.40
N MET A 95 -1.63 -8.98 -17.24
CA MET A 95 -3.04 -8.92 -16.90
C MET A 95 -3.67 -10.30 -16.92
N VAL A 96 -3.17 -11.18 -17.77
CA VAL A 96 -3.65 -12.55 -17.77
C VAL A 96 -3.48 -13.19 -16.38
N GLU A 97 -2.36 -12.93 -15.73
CA GLU A 97 -2.13 -13.49 -14.41
C GLU A 97 -2.96 -12.78 -13.34
N TRP A 98 -3.04 -11.46 -13.44
CA TRP A 98 -3.87 -10.70 -12.50
C TRP A 98 -5.32 -11.14 -12.56
N THR A 99 -5.85 -11.41 -13.76
CA THR A 99 -7.23 -11.84 -13.86
C THR A 99 -7.47 -13.12 -13.07
N LYS A 100 -6.52 -14.06 -13.15
CA LYS A 100 -6.67 -15.30 -12.38
C LYS A 100 -6.68 -15.01 -10.88
N ILE A 101 -5.84 -14.08 -10.44
CA ILE A 101 -5.79 -13.70 -9.04
C ILE A 101 -7.12 -13.06 -8.60
N PHE A 102 -7.62 -12.11 -9.39
CA PHE A 102 -8.88 -11.46 -9.05
C PHE A 102 -10.05 -12.46 -9.01
N ASN A 103 -10.09 -13.35 -10.00
CA ASN A 103 -11.13 -14.38 -10.02
C ASN A 103 -11.09 -15.23 -8.76
N ALA A 104 -9.89 -15.64 -8.36
CA ALA A 104 -9.74 -16.47 -7.16
C ALA A 104 -10.23 -15.76 -5.89
N ILE A 105 -9.87 -14.49 -5.75
CA ILE A 105 -10.30 -13.71 -4.59
C ILE A 105 -11.83 -13.59 -4.58
N HIS A 106 -12.40 -13.36 -5.75
CA HIS A 106 -13.84 -13.22 -5.86
C HIS A 106 -14.58 -14.52 -5.60
N GLU A 107 -13.99 -15.65 -5.97
CA GLU A 107 -14.59 -16.95 -5.68
CA GLU A 107 -14.59 -16.95 -5.68
C GLU A 107 -14.69 -17.17 -4.16
N LYS A 108 -13.79 -16.55 -3.41
CA LYS A 108 -13.84 -16.62 -1.94
C LYS A 108 -14.73 -15.53 -1.35
N LYS A 109 -15.42 -14.79 -2.22
CA LYS A 109 -16.37 -13.75 -1.83
C LYS A 109 -15.69 -12.59 -1.11
N SER A 110 -14.44 -12.34 -1.50
CA SER A 110 -13.68 -11.22 -1.01
C SER A 110 -13.41 -10.23 -2.15
N PHE A 111 -12.67 -9.17 -1.84
CA PHE A 111 -12.54 -8.04 -2.77
C PHE A 111 -11.08 -7.70 -2.99
N VAL A 112 -10.78 -7.06 -4.12
CA VAL A 112 -9.39 -6.77 -4.47
C VAL A 112 -9.23 -5.42 -5.13
N TRP A 113 -8.30 -4.64 -4.57
CA TRP A 113 -7.98 -3.31 -5.02
C TRP A 113 -6.50 -3.31 -5.41
N VAL A 114 -6.18 -2.88 -6.62
CA VAL A 114 -4.79 -2.88 -7.08
C VAL A 114 -4.10 -1.60 -6.65
N GLN A 115 -3.00 -1.72 -5.90
CA GLN A 115 -2.21 -0.54 -5.58
C GLN A 115 -1.31 -0.21 -6.77
N LEU A 116 -1.37 1.03 -7.22
CA LEU A 116 -0.61 1.50 -8.39
C LEU A 116 0.63 2.25 -7.90
N ILE A 117 1.79 1.79 -8.31
CA ILE A 117 3.13 2.27 -7.92
CA ILE A 117 3.03 2.41 -7.88
C ILE A 117 3.98 2.94 -8.96
N VAL A 118 4.67 4.02 -8.58
CA VAL A 118 5.75 4.61 -9.36
C VAL A 118 6.89 4.84 -8.37
N LEU A 119 8.06 4.26 -8.62
CA LEU A 119 9.13 4.23 -7.62
C LEU A 119 9.90 5.53 -7.38
N GLY A 120 10.13 6.30 -8.44
CA GLY A 120 11.01 7.46 -8.29
C GLY A 120 12.37 7.03 -7.77
N TRP A 121 12.92 7.77 -6.81
CA TRP A 121 14.29 7.54 -6.41
C TRP A 121 14.54 6.24 -5.66
N ALA A 122 13.47 5.52 -5.32
CA ALA A 122 13.62 4.22 -4.68
C ALA A 122 14.00 3.11 -5.66
N ALA A 123 13.86 3.38 -6.94
CA ALA A 123 14.17 2.36 -7.96
C ALA A 123 15.66 2.08 -8.00
N PHE A 124 16.05 0.94 -8.57
CA PHE A 124 17.46 0.61 -8.72
C PHE A 124 17.98 1.20 -10.04
N PRO A 125 18.88 2.19 -9.95
CA PRO A 125 19.36 2.88 -11.15
C PRO A 125 20.05 1.96 -12.14
N ASP A 126 20.67 0.89 -11.64
CA ASP A 126 21.39 -0.05 -12.50
C ASP A 126 20.43 -0.94 -13.30
N ASN A 127 19.33 -1.38 -12.69
CA ASN A 127 18.29 -2.10 -13.46
C ASN A 127 17.71 -1.20 -14.53
N LEU A 128 17.46 0.05 -14.17
CA LEU A 128 16.86 0.99 -15.11
C LEU A 128 17.81 1.27 -16.29
N ALA A 129 19.07 1.55 -15.99
CA ALA A 129 20.09 1.75 -17.03
C ALA A 129 20.13 0.58 -18.00
N ARG A 130 20.07 -0.64 -17.47
CA ARG A 130 20.12 -1.84 -18.29
C ARG A 130 18.99 -1.84 -19.33
N ASP A 131 17.83 -1.37 -18.90
CA ASP A 131 16.63 -1.37 -19.73
C ASP A 131 16.45 -0.07 -20.49
N GLY A 132 17.45 0.79 -20.44
CA GLY A 132 17.41 2.06 -21.14
C GLY A 132 16.43 3.06 -20.58
N LEU A 133 16.21 2.97 -19.27
CA LEU A 133 15.24 3.82 -18.59
C LEU A 133 15.93 4.85 -17.70
N ARG A 134 15.24 5.97 -17.49
CA ARG A 134 15.73 7.03 -16.61
C ARG A 134 15.66 6.62 -15.15
N TYR A 135 16.40 7.33 -14.31
CA TYR A 135 16.27 7.24 -12.86
C TYR A 135 15.62 8.53 -12.40
N ASP A 136 14.34 8.48 -12.02
CA ASP A 136 13.49 9.66 -11.88
C ASP A 136 13.24 10.10 -10.44
N SER A 137 13.12 11.41 -10.22
CA SER A 137 12.55 11.91 -8.96
C SER A 137 11.95 13.29 -9.19
N ALA A 138 11.48 13.93 -8.12
CA ALA A 138 10.98 15.30 -8.22
C ALA A 138 12.11 16.26 -8.57
N SER A 139 13.29 16.00 -7.99
CA SER A 139 14.39 16.94 -8.10
C SER A 139 15.69 16.21 -8.41
N ASP A 140 16.76 16.97 -8.62
CA ASP A 140 18.04 16.38 -8.94
C ASP A 140 19.15 16.90 -8.05
N ASN A 141 18.82 17.47 -6.91
CA ASN A 141 19.88 18.00 -6.06
C ASN A 141 19.89 17.39 -4.68
N VAL A 142 18.99 16.45 -4.44
CA VAL A 142 19.00 15.67 -3.21
C VAL A 142 18.74 14.22 -3.58
N PHE A 143 19.44 13.31 -2.92
CA PHE A 143 19.42 11.89 -3.31
C PHE A 143 19.04 11.02 -2.15
N MET A 144 18.52 9.84 -2.45
CA MET A 144 17.84 9.08 -1.40
C MET A 144 18.78 8.69 -0.27
N ASP A 145 19.93 8.06 -0.60
CA ASP A 145 20.91 7.56 0.41
C ASP A 145 22.22 7.07 -0.26
N ALA A 146 23.21 6.66 0.52
CA ALA A 146 24.54 6.37 -0.02
C ALA A 146 24.56 5.15 -0.94
N GLU A 147 23.75 4.17 -0.63
CA GLU A 147 23.70 2.97 -1.44
C GLU A 147 23.13 3.29 -2.80
N GLN A 148 22.05 4.08 -2.82
CA GLN A 148 21.46 4.48 -4.09
C GLN A 148 22.44 5.34 -4.88
N GLU A 149 23.14 6.23 -4.19
CA GLU A 149 24.15 7.06 -4.85
C GLU A 149 25.20 6.16 -5.53
N ALA A 150 25.68 5.18 -4.77
CA ALA A 150 26.70 4.27 -5.25
C ALA A 150 26.17 3.52 -6.47
N LYS A 151 24.93 3.07 -6.41
CA LYS A 151 24.39 2.30 -7.52
C LYS A 151 24.29 3.19 -8.76
N ALA A 152 23.92 4.45 -8.56
CA ALA A 152 23.73 5.37 -9.68
C ALA A 152 25.06 5.73 -10.32
N LYS A 153 26.09 5.93 -9.51
CA LYS A 153 27.40 6.24 -10.04
C LYS A 153 27.88 5.07 -10.90
N LYS A 154 27.72 3.87 -10.39
CA LYS A 154 28.26 2.69 -11.07
C LYS A 154 27.54 2.46 -12.38
N ALA A 155 26.23 2.70 -12.37
CA ALA A 155 25.38 2.48 -13.53
C ALA A 155 25.43 3.67 -14.46
N ASN A 156 26.11 4.73 -14.02
CA ASN A 156 26.22 5.94 -14.81
C ASN A 156 24.85 6.45 -15.20
N ASN A 157 23.91 6.32 -14.28
CA ASN A 157 22.53 6.72 -14.50
C ASN A 157 22.11 7.76 -13.45
N PRO A 158 22.21 9.06 -13.80
CA PRO A 158 22.03 10.19 -12.86
C PRO A 158 20.57 10.36 -12.46
N GLN A 159 20.33 10.77 -11.23
CA GLN A 159 18.98 11.08 -10.81
C GLN A 159 18.46 12.24 -11.63
N HIS A 160 17.27 12.06 -12.17
CA HIS A 160 16.70 12.97 -13.13
C HIS A 160 15.46 13.69 -12.61
N SER A 161 15.48 15.02 -12.64
CA SER A 161 14.30 15.80 -12.26
C SER A 161 13.27 15.82 -13.38
N LEU A 162 12.09 15.27 -13.11
CA LEU A 162 11.07 15.11 -14.13
C LEU A 162 10.68 16.44 -14.75
N THR A 163 10.54 16.42 -16.07
CA THR A 163 9.96 17.54 -16.78
C THR A 163 8.46 17.45 -16.64
N LYS A 164 7.77 18.56 -16.89
CA LYS A 164 6.32 18.56 -16.85
C LYS A 164 5.72 17.56 -17.84
N ASP A 165 6.33 17.43 -19.01
CA ASP A 165 5.85 16.47 -20.02
C ASP A 165 5.97 15.05 -19.49
N GLU A 166 7.06 14.77 -18.77
CA GLU A 166 7.26 13.43 -18.22
C GLU A 166 6.28 13.14 -17.08
N ILE A 167 5.91 14.16 -16.32
CA ILE A 167 4.87 14.02 -15.29
C ILE A 167 3.55 13.64 -15.99
N LYS A 168 3.26 14.31 -17.11
CA LYS A 168 2.03 14.03 -17.85
C LYS A 168 2.03 12.61 -18.39
N GLN A 169 3.19 12.14 -18.83
CA GLN A 169 3.29 10.79 -19.34
C GLN A 169 3.02 9.78 -18.21
N TYR A 170 3.54 10.02 -17.01
CA TYR A 170 3.22 9.16 -15.88
C TYR A 170 1.70 9.17 -15.62
N ILE A 171 1.08 10.36 -15.70
CA ILE A 171 -0.36 10.43 -15.45
C ILE A 171 -1.14 9.59 -16.46
N LYS A 172 -0.77 9.68 -17.74
CA LYS A 172 -1.36 8.82 -18.77
C LYS A 172 -1.23 7.35 -18.40
N GLU A 173 -0.06 6.97 -17.89
CA GLU A 173 0.21 5.60 -17.51
C GLU A 173 -0.61 5.16 -16.30
N TYR A 174 -0.81 6.05 -15.34
CA TYR A 174 -1.67 5.75 -14.19
C TYR A 174 -3.08 5.44 -14.70
N VAL A 175 -3.56 6.26 -15.63
CA VAL A 175 -4.89 6.11 -16.16
C VAL A 175 -5.05 4.76 -16.86
N GLN A 176 -4.10 4.41 -17.72
CA GLN A 176 -4.19 3.15 -18.43
C GLN A 176 -4.05 1.96 -17.48
N ALA A 177 -3.19 2.08 -16.49
CA ALA A 177 -3.01 1.02 -15.49
C ALA A 177 -4.30 0.77 -14.70
N ALA A 178 -4.97 1.86 -14.33
CA ALA A 178 -6.24 1.78 -13.62
C ALA A 178 -7.30 1.11 -14.48
N LYS A 179 -7.38 1.53 -15.73
CA LYS A 179 -8.33 0.92 -16.65
C LYS A 179 -8.02 -0.57 -16.82
N ASN A 180 -6.75 -0.91 -16.97
CA ASN A 180 -6.36 -2.30 -17.13
C ASN A 180 -6.80 -3.11 -15.93
N SER A 181 -6.59 -2.54 -14.74
CA SER A 181 -6.92 -3.24 -13.50
C SER A 181 -8.42 -3.55 -13.42
N ILE A 182 -9.24 -2.54 -13.67
CA ILE A 182 -10.69 -2.71 -13.61
C ILE A 182 -11.16 -3.69 -14.70
N ALA A 183 -10.65 -3.53 -15.91
CA ALA A 183 -11.07 -4.38 -17.03
C ALA A 183 -10.74 -5.83 -16.75
N ALA A 184 -9.65 -6.07 -16.02
CA ALA A 184 -9.21 -7.43 -15.68
C ALA A 184 -10.01 -8.03 -14.51
N GLY A 185 -10.80 -7.19 -13.83
CA GLY A 185 -11.71 -7.66 -12.80
C GLY A 185 -11.54 -7.04 -11.41
N ALA A 186 -10.60 -6.12 -11.25
CA ALA A 186 -10.40 -5.53 -9.91
C ALA A 186 -11.62 -4.72 -9.47
N ASP A 187 -11.82 -4.64 -8.16
CA ASP A 187 -12.91 -3.85 -7.60
C ASP A 187 -12.56 -2.36 -7.53
N GLY A 188 -11.27 -2.03 -7.58
CA GLY A 188 -10.82 -0.65 -7.51
C GLY A 188 -9.31 -0.58 -7.54
N VAL A 189 -8.78 0.64 -7.40
CA VAL A 189 -7.35 0.83 -7.30
C VAL A 189 -7.05 1.76 -6.12
N GLU A 190 -5.85 1.59 -5.57
CA GLU A 190 -5.30 2.52 -4.60
C GLU A 190 -4.12 3.25 -5.21
N ILE A 191 -4.18 4.58 -5.19
CA ILE A 191 -3.05 5.40 -5.60
C ILE A 191 -2.05 5.45 -4.43
N HIS A 192 -0.84 4.93 -4.63
CA HIS A 192 0.18 4.99 -3.61
C HIS A 192 0.84 6.38 -3.62
N SER A 193 0.59 7.16 -2.58
CA SER A 193 1.24 8.46 -2.45
C SER A 193 1.98 8.53 -1.12
N ALA A 194 2.44 7.36 -0.69
CA ALA A 194 3.06 7.17 0.63
C ALA A 194 4.45 6.54 0.50
N ASN A 195 5.07 6.33 1.68
CA ASN A 195 6.26 5.51 1.83
C ASN A 195 7.47 5.93 1.02
N GLY A 196 7.49 7.19 0.61
CA GLY A 196 8.65 7.73 -0.04
C GLY A 196 8.83 7.37 -1.50
N TYR A 197 7.78 6.87 -2.15
CA TYR A 197 7.84 6.63 -3.60
C TYR A 197 7.53 7.94 -4.37
N LEU A 198 7.36 7.90 -5.69
CA LEU A 198 7.47 9.13 -6.47
C LEU A 198 6.48 10.21 -6.03
N LEU A 199 5.20 9.86 -5.85
CA LEU A 199 4.24 10.87 -5.47
C LEU A 199 4.61 11.48 -4.11
N ASN A 200 5.05 10.65 -3.17
CA ASN A 200 5.53 11.16 -1.89
C ASN A 200 6.76 12.05 -2.06
N GLN A 201 7.63 11.69 -3.00
CA GLN A 201 8.81 12.51 -3.26
C GLN A 201 8.41 13.92 -3.69
N PHE A 202 7.28 14.04 -4.37
CA PHE A 202 6.72 15.36 -4.71
C PHE A 202 6.06 16.04 -3.51
N LEU A 203 5.34 15.31 -2.66
CA LEU A 203 4.70 15.90 -1.49
C LEU A 203 5.69 16.50 -0.50
N ASP A 204 6.89 15.91 -0.42
CA ASP A 204 7.80 16.19 0.70
C ASP A 204 8.82 17.26 0.33
N PRO A 205 8.93 18.31 1.15
CA PRO A 205 9.86 19.40 0.83
C PRO A 205 11.34 19.04 0.88
N HIS A 206 11.71 17.92 1.50
CA HIS A 206 13.10 17.48 1.45
C HIS A 206 13.46 16.98 0.05
N SER A 207 12.56 16.19 -0.54
CA SER A 207 12.83 15.58 -1.83
C SER A 207 12.36 16.44 -3.00
N ASN A 208 11.53 17.43 -2.70
CA ASN A 208 11.00 18.32 -3.72
C ASN A 208 11.46 19.74 -3.54
N THR A 209 12.47 20.11 -4.32
CA THR A 209 13.03 21.44 -4.31
C THR A 209 12.79 22.14 -5.64
N ARG A 210 11.75 21.70 -6.35
CA ARG A 210 11.36 22.32 -7.62
C ARG A 210 10.87 23.75 -7.43
N THR A 211 11.06 24.58 -8.45
CA THR A 211 10.58 25.96 -8.42
C THR A 211 9.51 26.21 -9.48
N ASP A 212 9.05 25.15 -10.14
CA ASP A 212 7.93 25.28 -11.05
C ASP A 212 6.63 25.02 -10.29
N GLU A 213 5.54 24.81 -11.02
CA GLU A 213 4.23 24.67 -10.39
C GLU A 213 4.08 23.36 -9.62
N TYR A 214 5.08 22.47 -9.68
CA TYR A 214 5.03 21.21 -8.96
C TYR A 214 5.85 21.24 -7.67
N GLY A 215 6.39 22.40 -7.31
CA GLY A 215 7.07 22.51 -6.03
C GLY A 215 7.09 23.90 -5.47
N GLY A 216 7.61 24.05 -4.25
CA GLY A 216 7.83 25.36 -3.67
C GLY A 216 6.69 25.89 -2.82
N SER A 217 5.62 25.11 -2.71
CA SER A 217 4.52 25.45 -1.82
C SER A 217 3.71 24.19 -1.54
N ILE A 218 2.81 24.29 -0.56
CA ILE A 218 1.95 23.16 -0.22
C ILE A 218 1.10 22.73 -1.41
N GLU A 219 0.41 23.69 -2.02
CA GLU A 219 -0.45 23.43 -3.16
CA GLU A 219 -0.46 23.34 -3.14
C GLU A 219 0.32 22.81 -4.33
N ASN A 220 1.49 23.38 -4.60
CA ASN A 220 2.32 22.88 -5.69
C ASN A 220 2.89 21.48 -5.44
N ARG A 221 3.33 21.20 -4.22
CA ARG A 221 3.87 19.87 -3.89
C ARG A 221 2.79 18.80 -3.96
N ALA A 222 1.52 19.19 -3.73
CA ALA A 222 0.39 18.25 -3.80
C ALA A 222 -0.17 18.10 -5.21
N ARG A 223 0.28 18.94 -6.14
CA ARG A 223 -0.32 18.99 -7.47
C ARG A 223 -0.33 17.65 -8.20
N PHE A 224 0.81 16.97 -8.25
CA PHE A 224 0.94 15.69 -8.97
C PHE A 224 -0.02 14.65 -8.36
N THR A 225 0.02 14.49 -7.04
CA THR A 225 -0.87 13.53 -6.39
C THR A 225 -2.32 13.81 -6.75
N LEU A 226 -2.75 15.07 -6.66
CA LEU A 226 -4.13 15.41 -6.91
C LEU A 226 -4.50 15.29 -8.39
N GLU A 227 -3.52 15.53 -9.26
CA GLU A 227 -3.74 15.31 -10.70
C GLU A 227 -4.01 13.81 -10.99
N VAL A 228 -3.26 12.93 -10.33
CA VAL A 228 -3.49 11.50 -10.49
C VAL A 228 -4.85 11.12 -9.94
N VAL A 229 -5.18 11.61 -8.75
CA VAL A 229 -6.51 11.38 -8.21
C VAL A 229 -7.59 11.79 -9.24
N ASP A 230 -7.48 12.99 -9.78
CA ASP A 230 -8.53 13.49 -10.66
C ASP A 230 -8.58 12.69 -11.94
N ALA A 231 -7.42 12.30 -12.44
CA ALA A 231 -7.37 11.55 -13.69
C ALA A 231 -8.03 10.19 -13.52
N LEU A 232 -7.78 9.54 -12.38
CA LEU A 232 -8.37 8.22 -12.16
C LEU A 232 -9.85 8.31 -11.80
N VAL A 233 -10.25 9.31 -11.03
CA VAL A 233 -11.67 9.49 -10.77
C VAL A 233 -12.44 9.64 -12.09
N GLU A 234 -11.90 10.41 -13.02
CA GLU A 234 -12.54 10.59 -14.31
CA GLU A 234 -12.52 10.59 -14.32
C GLU A 234 -12.52 9.29 -15.11
N ALA A 235 -11.42 8.56 -15.04
CA ALA A 235 -11.28 7.36 -15.86
C ALA A 235 -12.15 6.18 -15.41
N ILE A 236 -12.22 5.91 -14.10
CA ILE A 236 -12.91 4.72 -13.61
C ILE A 236 -13.94 4.95 -12.48
N GLY A 237 -14.08 6.18 -12.02
CA GLY A 237 -15.08 6.52 -11.01
C GLY A 237 -14.48 6.71 -9.64
N HIS A 238 -14.97 7.71 -8.90
CA HIS A 238 -14.50 7.99 -7.54
C HIS A 238 -14.68 6.77 -6.63
N GLU A 239 -15.72 5.98 -6.86
CA GLU A 239 -16.01 4.84 -6.00
CA GLU A 239 -16.02 4.83 -6.00
C GLU A 239 -15.02 3.69 -6.20
N LYS A 240 -14.20 3.79 -7.24
CA LYS A 240 -13.18 2.77 -7.50
C LYS A 240 -11.77 3.26 -7.21
N VAL A 241 -11.64 4.36 -6.48
CA VAL A 241 -10.32 4.94 -6.23
C VAL A 241 -10.12 5.27 -4.75
N GLY A 242 -9.01 4.81 -4.20
CA GLY A 242 -8.55 5.23 -2.88
C GLY A 242 -7.18 5.86 -2.96
N LEU A 243 -6.75 6.49 -1.88
CA LEU A 243 -5.45 7.15 -1.82
C LEU A 243 -4.71 6.76 -0.55
N ARG A 244 -3.44 6.37 -0.67
CA ARG A 244 -2.62 6.07 0.51
C ARG A 244 -1.60 7.16 0.80
N LEU A 245 -1.49 7.52 2.09
CA LEU A 245 -0.63 8.57 2.59
C LEU A 245 0.06 8.09 3.85
N SER A 246 1.27 8.60 4.12
CA SER A 246 2.00 8.28 5.34
C SER A 246 2.63 9.54 5.90
N PRO A 247 1.82 10.38 6.55
CA PRO A 247 2.31 11.73 6.88
C PRO A 247 3.62 11.73 7.70
N TYR A 248 3.76 10.76 8.60
CA TYR A 248 4.90 10.75 9.51
C TYR A 248 5.99 9.78 9.09
N GLY A 249 5.84 9.19 7.91
CA GLY A 249 6.83 8.22 7.47
C GLY A 249 8.20 8.82 7.20
N VAL A 250 9.26 8.06 7.48
CA VAL A 250 10.61 8.45 7.11
C VAL A 250 11.26 7.47 6.13
N PHE A 251 10.57 6.38 5.82
CA PHE A 251 11.10 5.40 4.87
C PHE A 251 11.40 6.08 3.54
N ASN A 252 12.49 5.65 2.90
CA ASN A 252 12.94 6.22 1.63
C ASN A 252 13.21 7.72 1.73
N SER A 253 13.71 8.12 2.90
CA SER A 253 14.23 9.46 3.13
C SER A 253 13.18 10.57 3.06
N MET A 254 11.97 10.26 3.52
CA MET A 254 10.94 11.30 3.69
C MET A 254 11.17 12.01 5.03
N SER A 255 10.53 13.16 5.21
CA SER A 255 10.85 14.04 6.33
C SER A 255 10.19 13.62 7.66
N GLY A 256 8.96 13.14 7.57
CA GLY A 256 8.17 12.88 8.77
C GLY A 256 8.03 14.11 9.65
N GLY A 257 7.83 13.86 10.94
CA GLY A 257 7.53 14.92 11.89
C GLY A 257 8.60 15.98 12.08
N ALA A 258 9.82 15.68 11.66
CA ALA A 258 10.92 16.64 11.77
C ALA A 258 10.63 17.86 10.91
N GLU A 259 9.83 17.70 9.87
CA GLU A 259 9.39 18.80 9.03
C GLU A 259 8.14 19.44 9.68
N THR A 260 8.28 20.68 10.14
CA THR A 260 7.18 21.30 10.86
C THR A 260 5.98 21.59 9.98
N GLY A 261 6.18 21.58 8.67
CA GLY A 261 5.09 21.82 7.75
C GLY A 261 4.38 20.56 7.32
N ILE A 262 4.74 19.42 7.90
CA ILE A 262 4.26 18.15 7.35
C ILE A 262 2.75 17.97 7.58
N VAL A 263 2.24 18.34 8.75
CA VAL A 263 0.81 18.19 8.96
C VAL A 263 0.03 19.07 7.99
N ALA A 264 0.50 20.31 7.77
CA ALA A 264 -0.17 21.21 6.85
C ALA A 264 -0.24 20.61 5.46
N GLN A 265 0.85 20.00 5.02
CA GLN A 265 0.93 19.41 3.69
C GLN A 265 -0.12 18.32 3.50
N TYR A 266 -0.25 17.45 4.49
CA TYR A 266 -1.20 16.37 4.39
C TYR A 266 -2.64 16.83 4.68
N ALA A 267 -2.79 17.81 5.57
CA ALA A 267 -4.09 18.39 5.82
C ALA A 267 -4.66 19.03 4.54
N TYR A 268 -3.78 19.64 3.76
CA TYR A 268 -4.19 20.23 2.49
C TYR A 268 -4.74 19.17 1.55
N VAL A 269 -4.02 18.05 1.44
CA VAL A 269 -4.46 16.97 0.55
C VAL A 269 -5.81 16.45 1.02
N ALA A 270 -5.94 16.22 2.32
CA ALA A 270 -7.21 15.71 2.86
C ALA A 270 -8.35 16.69 2.57
N GLY A 271 -8.05 17.99 2.68
CA GLY A 271 -9.07 19.01 2.46
C GLY A 271 -9.52 19.01 1.02
N GLU A 272 -8.57 18.85 0.11
CA GLU A 272 -8.87 18.82 -1.32
C GLU A 272 -9.67 17.57 -1.68
N LEU A 273 -9.44 16.45 -1.00
CA LEU A 273 -10.28 15.28 -1.19
C LEU A 273 -11.70 15.53 -0.66
N GLU A 274 -11.82 16.17 0.51
CA GLU A 274 -13.17 16.42 1.04
C GLU A 274 -13.93 17.41 0.15
N LYS A 275 -13.23 18.38 -0.45
CA LYS A 275 -13.84 19.33 -1.37
C LYS A 275 -14.45 18.58 -2.56
N ARG A 276 -13.68 17.64 -3.10
CA ARG A 276 -14.18 16.83 -4.21
C ARG A 276 -15.38 15.99 -3.77
N ALA A 277 -15.34 15.49 -2.53
CA ALA A 277 -16.41 14.66 -1.98
C ALA A 277 -17.73 15.42 -1.86
N LYS A 278 -17.63 16.65 -1.39
CA LYS A 278 -18.80 17.51 -1.30
C LYS A 278 -19.26 17.86 -2.72
N ALA A 279 -18.32 17.95 -3.67
CA ALA A 279 -18.66 18.23 -5.07
C ALA A 279 -19.06 16.97 -5.88
N GLY A 280 -19.34 15.86 -5.20
CA GLY A 280 -19.98 14.72 -5.84
C GLY A 280 -19.04 13.57 -6.19
N LYS A 281 -17.79 13.70 -5.80
CA LYS A 281 -16.78 12.71 -6.17
C LYS A 281 -15.96 12.30 -4.96
N ARG A 282 -16.59 11.58 -4.02
CA ARG A 282 -15.89 11.14 -2.81
C ARG A 282 -15.11 9.86 -3.05
N LEU A 283 -13.81 9.89 -2.77
CA LEU A 283 -13.01 8.68 -2.92
C LEU A 283 -13.55 7.57 -2.04
N ALA A 284 -13.29 6.33 -2.42
CA ALA A 284 -13.75 5.18 -1.64
C ALA A 284 -13.17 5.18 -0.23
N PHE A 285 -11.93 5.63 -0.10
CA PHE A 285 -11.25 5.64 1.19
C PHE A 285 -9.97 6.45 1.12
N VAL A 286 -9.52 6.88 2.30
CA VAL A 286 -8.16 7.34 2.50
C VAL A 286 -7.49 6.29 3.39
N HIS A 287 -6.29 5.87 3.00
CA HIS A 287 -5.52 4.88 3.71
C HIS A 287 -4.31 5.56 4.30
N LEU A 288 -4.16 5.48 5.62
CA LEU A 288 -3.06 6.13 6.32
C LEU A 288 -2.16 5.13 6.96
N VAL A 289 -0.85 5.32 6.80
CA VAL A 289 0.13 4.61 7.62
C VAL A 289 0.30 5.43 8.89
N GLU A 290 0.28 4.74 10.02
CA GLU A 290 0.30 5.39 11.33
C GLU A 290 1.71 5.76 11.73
N PRO A 291 1.86 6.79 12.58
CA PRO A 291 3.18 7.09 13.14
C PRO A 291 3.69 5.98 14.06
N ARG A 292 2.83 5.01 14.36
CA ARG A 292 3.21 3.76 15.02
C ARG A 292 4.31 3.03 14.28
N VAL A 293 4.34 3.19 12.96
CA VAL A 293 5.34 2.55 12.10
C VAL A 293 5.82 3.57 11.07
N THR A 294 6.98 4.19 11.31
CA THR A 294 7.50 5.17 10.36
C THR A 294 8.43 4.53 9.32
N ASN A 295 8.76 3.25 9.55
CA ASN A 295 9.56 2.45 8.62
C ASN A 295 9.15 1.01 8.87
N PRO A 296 8.52 0.38 7.85
CA PRO A 296 7.93 -0.95 8.05
C PRO A 296 8.94 -2.10 8.07
N PHE A 297 10.22 -1.79 7.90
CA PHE A 297 11.25 -2.80 8.02
C PHE A 297 11.98 -2.75 9.35
N LEU A 298 11.45 -1.96 10.27
CA LEU A 298 11.85 -2.02 11.67
C LEU A 298 10.83 -2.85 12.42
N THR A 299 11.32 -3.64 13.37
CA THR A 299 10.47 -4.51 14.17
C THR A 299 9.41 -3.68 14.90
N GLU A 300 8.22 -4.28 15.07
CA GLU A 300 7.14 -3.64 15.79
C GLU A 300 7.63 -3.02 17.09
N GLY A 301 7.26 -1.77 17.30
CA GLY A 301 7.68 -1.06 18.48
C GLY A 301 8.86 -0.13 18.24
N GLU A 302 9.59 -0.40 17.16
CA GLU A 302 10.69 0.48 16.75
C GLU A 302 10.22 1.50 15.72
N GLY A 303 10.90 2.64 15.66
CA GLY A 303 10.54 3.65 14.69
C GLY A 303 9.17 4.26 14.97
N GLU A 304 8.72 4.20 16.22
CA GLU A 304 7.46 4.83 16.56
CA GLU A 304 7.48 4.84 16.61
C GLU A 304 7.74 6.32 16.74
N TYR A 305 6.86 7.14 16.20
CA TYR A 305 6.93 8.58 16.41
C TYR A 305 5.80 8.99 17.32
N GLU A 306 6.13 9.49 18.51
CA GLU A 306 5.10 9.83 19.49
C GLU A 306 4.72 11.30 19.43
N GLY A 307 5.37 12.07 18.57
CA GLY A 307 5.16 13.51 18.52
C GLY A 307 4.03 13.95 17.62
N GLY A 308 3.36 13.00 16.99
CA GLY A 308 2.29 13.34 16.07
C GLY A 308 1.26 12.24 15.95
N SER A 309 0.06 12.66 15.57
CA SER A 309 -1.08 11.79 15.37
C SER A 309 -1.67 12.01 13.98
N ASN A 310 -2.26 10.97 13.42
CA ASN A 310 -3.04 11.11 12.20
C ASN A 310 -4.48 11.58 12.47
N ASP A 311 -4.85 11.81 13.73
CA ASP A 311 -6.25 12.09 14.02
C ASP A 311 -6.74 13.33 13.28
N PHE A 312 -5.83 14.26 12.95
CA PHE A 312 -6.20 15.48 12.22
C PHE A 312 -6.97 15.19 10.94
N VAL A 313 -6.64 14.08 10.28
CA VAL A 313 -7.31 13.75 9.04
C VAL A 313 -8.81 13.63 9.24
N TYR A 314 -9.22 13.13 10.41
CA TYR A 314 -10.65 12.93 10.69
C TYR A 314 -11.42 14.21 10.84
N SER A 315 -10.73 15.31 11.18
CA SER A 315 -11.40 16.62 11.26
C SER A 315 -11.70 17.16 9.86
N ILE A 316 -11.06 16.60 8.85
CA ILE A 316 -11.07 17.18 7.51
C ILE A 316 -11.81 16.27 6.53
N TRP A 317 -11.29 15.06 6.38
CA TRP A 317 -11.89 14.04 5.50
C TRP A 317 -12.97 13.30 6.26
N LYS A 318 -14.14 13.20 5.64
CA LYS A 318 -15.31 12.63 6.33
C LYS A 318 -15.72 11.24 5.81
N GLY A 319 -14.87 10.63 4.98
CA GLY A 319 -15.11 9.30 4.46
C GLY A 319 -14.41 8.18 5.25
N PRO A 320 -14.45 6.94 4.72
CA PRO A 320 -13.76 5.85 5.41
C PRO A 320 -12.27 6.13 5.52
N VAL A 321 -11.68 5.68 6.61
CA VAL A 321 -10.25 5.77 6.81
C VAL A 321 -9.73 4.40 7.20
N ILE A 322 -8.76 3.89 6.43
CA ILE A 322 -8.05 2.67 6.79
C ILE A 322 -6.76 3.11 7.48
N ARG A 323 -6.46 2.53 8.64
CA ARG A 323 -5.24 2.84 9.35
CA ARG A 323 -5.25 2.83 9.40
C ARG A 323 -4.40 1.58 9.48
N ALA A 324 -3.11 1.70 9.19
CA ALA A 324 -2.21 0.57 9.30
C ALA A 324 -0.97 0.90 10.09
N GLY A 325 -0.48 -0.06 10.87
CA GLY A 325 0.80 0.09 11.54
C GLY A 325 0.79 -0.47 12.96
N ASN A 326 1.38 -1.66 13.11
CA ASN A 326 1.54 -2.30 14.42
C ASN A 326 0.23 -2.48 15.17
N PHE A 327 -0.82 -2.92 14.49
CA PHE A 327 -2.08 -3.18 15.17
C PHE A 327 -2.30 -4.64 15.58
N ALA A 328 -1.63 -5.57 14.93
CA ALA A 328 -1.85 -6.99 15.21
C ALA A 328 -1.51 -7.34 16.66
N LEU A 329 -0.42 -6.76 17.16
CA LEU A 329 0.06 -7.07 18.50
C LEU A 329 -0.57 -6.18 19.54
N HIS A 330 -1.50 -5.32 19.10
CA HIS A 330 -2.13 -4.35 19.98
C HIS A 330 -3.64 -4.29 19.84
N PRO A 331 -4.29 -5.42 20.16
CA PRO A 331 -5.76 -5.44 20.09
C PRO A 331 -6.39 -4.39 21.01
N GLU A 332 -5.71 -4.02 22.07
CA GLU A 332 -6.26 -3.01 22.98
C GLU A 332 -6.36 -1.65 22.29
N VAL A 333 -5.43 -1.37 21.38
CA VAL A 333 -5.47 -0.13 20.61
C VAL A 333 -6.56 -0.22 19.56
N VAL A 334 -6.64 -1.35 18.85
CA VAL A 334 -7.66 -1.50 17.82
C VAL A 334 -9.05 -1.35 18.43
N ARG A 335 -9.26 -1.93 19.61
CA ARG A 335 -10.55 -1.87 20.27
C ARG A 335 -11.01 -0.42 20.43
N GLU A 336 -10.07 0.46 20.76
CA GLU A 336 -10.41 1.86 20.92
C GLU A 336 -10.61 2.55 19.57
N GLU A 337 -9.73 2.29 18.60
CA GLU A 337 -9.81 3.00 17.34
CA GLU A 337 -9.79 3.00 17.33
C GLU A 337 -11.06 2.67 16.53
N VAL A 338 -11.51 1.41 16.58
CA VAL A 338 -12.68 1.04 15.78
C VAL A 338 -14.01 1.54 16.38
N LYS A 339 -13.97 2.14 17.57
CA LYS A 339 -15.17 2.75 18.11
C LYS A 339 -15.63 3.86 17.16
N ASP A 340 -14.68 4.44 16.42
CA ASP A 340 -15.04 5.33 15.34
C ASP A 340 -15.62 4.50 14.21
N LYS A 341 -16.83 4.84 13.81
CA LYS A 341 -17.59 3.97 12.92
C LYS A 341 -17.18 4.01 11.44
N ARG A 342 -16.17 4.80 11.09
CA ARG A 342 -15.67 4.80 9.71
C ARG A 342 -14.20 4.43 9.64
N THR A 343 -13.71 3.76 10.67
CA THR A 343 -12.31 3.33 10.74
C THR A 343 -12.12 1.84 10.46
N LEU A 344 -11.21 1.53 9.54
CA LEU A 344 -10.85 0.15 9.24
C LEU A 344 -9.38 0.01 9.61
N ILE A 345 -8.95 -1.23 9.81
CA ILE A 345 -7.62 -1.51 10.28
C ILE A 345 -6.88 -2.41 9.28
N GLY A 346 -5.77 -1.92 8.78
CA GLY A 346 -4.89 -2.69 7.93
C GLY A 346 -3.88 -3.46 8.77
N TYR A 347 -3.75 -4.75 8.49
CA TYR A 347 -2.80 -5.62 9.16
C TYR A 347 -1.85 -6.18 8.11
N GLY A 348 -0.59 -5.76 8.15
CA GLY A 348 0.35 -6.12 7.09
C GLY A 348 1.16 -7.35 7.42
N ARG A 349 2.19 -7.18 8.23
CA ARG A 349 3.11 -8.28 8.47
C ARG A 349 2.43 -9.51 9.03
N PHE A 350 1.41 -9.35 9.87
CA PHE A 350 0.75 -10.52 10.40
C PHE A 350 -0.24 -11.17 9.44
N PHE A 351 -0.63 -10.46 8.38
CA PHE A 351 -1.36 -11.12 7.29
C PHE A 351 -0.41 -11.90 6.38
N ILE A 352 0.84 -11.47 6.29
CA ILE A 352 1.85 -12.29 5.63
C ILE A 352 1.87 -13.66 6.30
N SER A 353 1.93 -13.68 7.63
CA SER A 353 2.15 -14.93 8.31
C SER A 353 0.89 -15.67 8.77
N ASN A 354 -0.28 -15.07 8.66
CA ASN A 354 -1.52 -15.70 9.10
C ASN A 354 -2.58 -15.59 8.03
N PRO A 355 -2.73 -16.63 7.21
CA PRO A 355 -3.70 -16.55 6.11
C PRO A 355 -5.13 -16.43 6.65
N ASP A 356 -5.36 -16.99 7.84
CA ASP A 356 -6.64 -16.91 8.52
C ASP A 356 -6.60 -15.85 9.64
N LEU A 357 -5.90 -14.76 9.41
CA LEU A 357 -5.79 -13.74 10.45
C LEU A 357 -7.15 -13.27 10.94
N VAL A 358 -8.13 -13.15 10.04
CA VAL A 358 -9.41 -12.57 10.46
C VAL A 358 -10.09 -13.45 11.53
N ASP A 359 -10.12 -14.76 11.30
CA ASP A 359 -10.62 -15.70 12.30
C ASP A 359 -9.88 -15.53 13.62
N ARG A 360 -8.56 -15.38 13.55
CA ARG A 360 -7.76 -15.26 14.75
C ARG A 360 -8.06 -13.97 15.51
N LEU A 361 -8.31 -12.89 14.78
CA LEU A 361 -8.71 -11.63 15.41
C LEU A 361 -10.07 -11.75 16.06
N GLU A 362 -11.01 -12.37 15.36
CA GLU A 362 -12.36 -12.50 15.91
C GLU A 362 -12.35 -13.26 17.23
N LYS A 363 -11.59 -14.36 17.24
CA LYS A 363 -11.67 -15.33 18.33
C LYS A 363 -10.57 -15.20 19.37
N GLY A 364 -9.61 -14.30 19.14
CA GLY A 364 -8.51 -14.09 20.07
C GLY A 364 -7.53 -15.24 20.13
N LEU A 365 -7.15 -15.75 18.96
CA LEU A 365 -6.24 -16.88 18.88
C LEU A 365 -4.79 -16.41 18.79
N PRO A 366 -3.85 -17.29 19.14
CA PRO A 366 -2.43 -16.99 18.96
C PRO A 366 -2.14 -16.65 17.51
N LEU A 367 -1.08 -15.87 17.29
CA LEU A 367 -0.68 -15.48 15.93
C LEU A 367 0.60 -16.19 15.54
N ASN A 368 0.67 -16.64 14.29
CA ASN A 368 1.93 -17.13 13.75
C ASN A 368 2.93 -16.00 13.68
N LYS A 369 4.13 -16.26 14.14
CA LYS A 369 5.25 -15.37 13.91
C LYS A 369 5.50 -15.24 12.44
N TYR A 370 5.93 -14.06 12.02
CA TYR A 370 6.36 -13.90 10.64
C TYR A 370 7.87 -14.11 10.53
N ASP A 371 8.29 -14.40 9.30
CA ASP A 371 9.68 -14.65 8.97
C ASP A 371 10.16 -13.58 8.01
N ARG A 372 10.83 -12.58 8.54
CA ARG A 372 11.21 -11.45 7.71
CA ARG A 372 11.31 -11.43 7.77
C ARG A 372 12.14 -11.88 6.59
N ASP A 373 12.89 -12.96 6.80
CA ASP A 373 13.83 -13.44 5.77
C ASP A 373 13.14 -13.86 4.47
N THR A 374 11.86 -14.19 4.53
CA THR A 374 11.11 -14.59 3.35
C THR A 374 10.08 -13.55 2.89
N PHE A 375 10.15 -12.35 3.44
CA PHE A 375 9.26 -11.28 2.98
C PHE A 375 9.46 -11.06 1.47
N TYR A 376 10.73 -11.01 1.04
CA TYR A 376 11.08 -10.74 -0.37
C TYR A 376 11.77 -11.87 -1.17
N GLN A 377 11.75 -13.07 -0.64
CA GLN A 377 12.43 -14.20 -1.26
C GLN A 377 11.70 -14.74 -2.49
N MET A 378 12.43 -15.34 -3.45
CA MET A 378 11.77 -16.01 -4.58
C MET A 378 11.45 -17.45 -4.20
N SER A 379 10.44 -17.59 -3.35
CA SER A 379 10.10 -18.90 -2.81
C SER A 379 8.65 -19.02 -2.41
N ALA A 380 8.15 -20.25 -2.48
CA ALA A 380 6.87 -20.56 -1.89
C ALA A 380 6.98 -20.57 -0.37
N HIS A 381 8.16 -20.94 0.13
CA HIS A 381 8.41 -20.92 1.57
C HIS A 381 8.33 -19.50 2.11
N GLY A 382 7.56 -19.33 3.18
CA GLY A 382 7.33 -18.00 3.73
C GLY A 382 6.39 -17.15 2.87
N TYR A 383 5.67 -17.80 1.96
CA TYR A 383 4.70 -17.14 1.08
C TYR A 383 3.36 -17.85 1.14
N ILE A 384 3.34 -19.15 0.79
CA ILE A 384 2.10 -19.92 0.78
C ILE A 384 2.09 -21.11 1.74
N ASP A 385 3.13 -21.23 2.56
CA ASP A 385 3.18 -22.36 3.51
C ASP A 385 3.02 -21.98 4.98
N TYR A 386 2.62 -20.75 5.26
CA TYR A 386 2.23 -20.43 6.62
C TYR A 386 0.88 -21.08 6.91
N PRO A 387 0.76 -21.72 8.08
CA PRO A 387 -0.44 -22.49 8.38
C PRO A 387 -1.62 -21.66 8.92
N THR A 388 -2.82 -22.14 8.67
CA THR A 388 -3.98 -21.68 9.40
C THR A 388 -3.83 -22.16 10.85
N TYR A 389 -4.70 -21.67 11.73
CA TYR A 389 -4.61 -22.09 13.12
C TYR A 389 -4.79 -23.61 13.26
N GLU A 390 -5.72 -24.18 12.49
CA GLU A 390 -5.99 -25.61 12.51
C GLU A 390 -4.72 -26.36 12.10
N GLU A 391 -4.11 -25.90 11.01
CA GLU A 391 -2.90 -26.53 10.52
C GLU A 391 -1.76 -26.39 11.54
N ALA A 392 -1.66 -25.24 12.18
CA ALA A 392 -0.61 -24.99 13.16
C ALA A 392 -0.77 -25.94 14.35
N LEU A 393 -1.98 -26.14 14.83
CA LEU A 393 -2.17 -27.09 15.91
C LEU A 393 -1.77 -28.51 15.47
N LYS A 394 -2.13 -28.89 14.25
CA LYS A 394 -1.79 -30.22 13.78
C LYS A 394 -0.27 -30.40 13.70
N LEU A 395 0.43 -29.30 13.45
CA LEU A 395 1.89 -29.29 13.37
C LEU A 395 2.55 -29.19 14.75
N GLY A 396 1.76 -29.02 15.81
CA GLY A 396 2.30 -28.98 17.16
C GLY A 396 2.83 -27.63 17.59
N TRP A 397 2.41 -26.58 16.87
CA TRP A 397 2.95 -25.26 17.15
C TRP A 397 2.58 -24.73 18.53
N ASP A 398 1.54 -25.29 19.13
CA ASP A 398 1.12 -24.85 20.46
C ASP A 398 2.10 -25.29 21.54
N LYS A 399 3.03 -26.18 21.16
CA LYS A 399 4.03 -26.65 22.11
C LYS A 399 5.46 -26.37 21.63
N LYS A 400 5.59 -25.35 20.79
CA LYS A 400 6.90 -24.92 20.31
C LYS A 400 7.39 -23.73 21.13
#